data_6DZD
#
_entry.id   6DZD
#
_cell.length_a   42.567
_cell.length_b   69.464
_cell.length_c   179.589
_cell.angle_alpha   90.000
_cell.angle_beta   90.000
_cell.angle_gamma   90.000
#
_symmetry.space_group_name_H-M   'P 21 21 21'
#
loop_
_entity.id
_entity.type
_entity.pdbx_description
1 polymer 'hypothetical protein YfiH'
2 non-polymer 'ZINC ION'
3 non-polymer 'POTASSIUM ION'
4 non-polymer 'CHLORIDE ION'
5 non-polymer 'SODIUM ION'
6 water water
#
_entity_poly.entity_id   1
_entity_poly.type   'polypeptide(L)'
_entity_poly.pdbx_seq_one_letter_code
;MNTYNPFRLDAPSMLLIEEWNQTAETGGQVTAGFTTKNGGESEPPFHSLNTGLHVQDHEQHVINNRKKVADILKTDLHDW
VFADQTHEDRIHKVTDGDRASGAFRYDTALKATDGLYTDRPNLFLALCFADCVPVYFYDPVRSLVGIAHAGWKGTALGIA
ASMVDMWIRREGSNPADIRAVIGPAIGSCCYTVDDHVIDKIRNLPLQQEDKAFLTIKEGEYRLELKEVNRQLLVHAGIPN
GQIEVSSLCTSCERSLFFSHRRDRGKTGRMMSFIGLKEV
;
_entity_poly.pdbx_strand_id   A,B
#
loop_
_chem_comp.id
_chem_comp.type
_chem_comp.name
_chem_comp.formula
CL non-polymer 'CHLORIDE ION' 'Cl -1'
K non-polymer 'POTASSIUM ION' 'K 1'
NA non-polymer 'SODIUM ION' 'Na 1'
ZN non-polymer 'ZINC ION' 'Zn 2'
#
# COMPACT_ATOMS: atom_id res chain seq x y z
N ASN A 2 -7.29 -4.02 -12.73
CA ASN A 2 -6.66 -5.30 -13.01
C ASN A 2 -7.68 -6.38 -13.37
N THR A 3 -7.19 -7.46 -14.01
CA THR A 3 -8.05 -8.51 -14.54
C THR A 3 -8.98 -9.05 -13.46
N TYR A 4 -10.13 -9.57 -13.87
CA TYR A 4 -10.97 -10.28 -12.92
C TYR A 4 -10.50 -11.70 -12.68
N ASN A 5 -9.55 -12.17 -13.50
CA ASN A 5 -9.11 -13.55 -13.44
C ASN A 5 -8.74 -13.90 -12.00
N PRO A 6 -9.18 -15.05 -11.48
CA PRO A 6 -9.89 -16.19 -12.07
C PRO A 6 -11.42 -16.05 -12.16
N PHE A 7 -11.93 -14.85 -11.94
CA PHE A 7 -13.36 -14.60 -12.02
C PHE A 7 -13.75 -14.07 -13.40
N ARG A 8 -15.00 -14.25 -13.75
CA ARG A 8 -15.60 -13.67 -14.94
C ARG A 8 -16.81 -12.86 -14.51
N LEU A 9 -16.92 -11.64 -15.05
CA LEU A 9 -17.99 -10.70 -14.75
C LEU A 9 -19.24 -10.97 -15.60
N ASP A 10 -20.27 -11.54 -14.98
CA ASP A 10 -21.63 -11.55 -15.55
C ASP A 10 -22.33 -10.31 -15.01
N ALA A 11 -22.13 -9.18 -15.68
CA ALA A 11 -22.59 -7.91 -15.12
C ALA A 11 -24.11 -7.93 -14.94
N PRO A 12 -24.65 -7.08 -14.03
CA PRO A 12 -23.93 -6.35 -12.98
C PRO A 12 -23.55 -7.16 -11.73
N SER A 13 -24.37 -8.14 -11.39
CA SER A 13 -24.33 -8.64 -10.03
C SER A 13 -23.30 -9.72 -9.76
N MET A 14 -22.80 -10.45 -10.75
CA MET A 14 -22.08 -11.69 -10.47
C MET A 14 -20.66 -11.70 -10.99
N LEU A 15 -19.75 -12.20 -10.16
CA LEU A 15 -18.42 -12.63 -10.60
C LEU A 15 -18.34 -14.14 -10.44
N LEU A 16 -17.99 -14.85 -11.51
CA LEU A 16 -18.05 -16.30 -11.54
C LEU A 16 -16.69 -16.92 -11.79
N ILE A 17 -16.34 -17.92 -10.98
CA ILE A 17 -15.11 -18.68 -11.18
C ILE A 17 -15.28 -19.64 -12.35
N GLU A 18 -14.65 -19.32 -13.48
CA GLU A 18 -14.96 -20.00 -14.73
C GLU A 18 -14.47 -21.45 -14.72
N GLU A 19 -13.17 -21.65 -14.43
CA GLU A 19 -12.55 -22.96 -14.63
C GLU A 19 -13.24 -24.07 -13.85
N TRP A 20 -13.91 -23.73 -12.74
CA TRP A 20 -14.52 -24.74 -11.90
C TRP A 20 -15.85 -25.24 -12.47
N ASN A 21 -16.60 -24.37 -13.16
CA ASN A 21 -17.83 -24.77 -13.85
C ASN A 21 -17.50 -25.40 -15.20
N GLN A 29 -20.28 -30.90 -11.31
CA GLN A 29 -20.10 -29.52 -11.74
C GLN A 29 -20.24 -28.52 -10.59
N VAL A 30 -19.21 -27.74 -10.41
CA VAL A 30 -19.16 -26.75 -9.34
C VAL A 30 -19.66 -25.40 -9.85
N THR A 31 -20.48 -24.73 -9.03
CA THR A 31 -20.81 -23.33 -9.24
C THR A 31 -20.23 -22.50 -8.09
N ALA A 32 -19.33 -21.57 -8.42
CA ALA A 32 -18.64 -20.77 -7.42
C ALA A 32 -18.54 -19.34 -7.92
N GLY A 33 -18.57 -18.39 -6.98
CA GLY A 33 -18.44 -17.00 -7.36
C GLY A 33 -18.52 -16.07 -6.17
N PHE A 34 -18.68 -14.77 -6.49
CA PHE A 34 -18.63 -13.64 -5.56
C PHE A 34 -19.51 -12.53 -6.12
N THR A 35 -20.35 -11.95 -5.29
CA THR A 35 -21.22 -10.91 -5.86
C THR A 35 -20.51 -9.55 -5.83
N THR A 36 -21.07 -8.61 -6.58
CA THR A 36 -20.62 -7.24 -6.68
C THR A 36 -21.61 -6.33 -5.97
N LYS A 37 -21.24 -5.05 -5.91
CA LYS A 37 -22.06 -4.01 -5.28
C LYS A 37 -23.40 -3.78 -6.00
N ASN A 38 -23.47 -4.11 -7.28
CA ASN A 38 -24.49 -3.58 -8.17
C ASN A 38 -25.67 -4.50 -8.49
N GLY A 39 -26.80 -3.85 -8.83
CA GLY A 39 -28.00 -4.50 -9.30
C GLY A 39 -29.01 -4.91 -8.26
N GLY A 40 -28.99 -4.28 -7.08
CA GLY A 40 -29.86 -4.64 -5.99
C GLY A 40 -30.89 -3.59 -5.65
N GLU A 41 -31.58 -3.81 -4.53
CA GLU A 41 -32.69 -2.98 -4.09
C GLU A 41 -32.34 -2.11 -2.89
N SER A 42 -31.19 -2.31 -2.26
CA SER A 42 -30.96 -1.65 -1.00
C SER A 42 -30.65 -0.17 -1.21
N GLU A 43 -31.10 0.64 -0.28
CA GLU A 43 -30.84 2.07 -0.25
C GLU A 43 -29.50 2.33 0.41
N PRO A 44 -28.91 3.51 0.19
CA PRO A 44 -27.72 3.89 0.96
C PRO A 44 -27.97 3.78 2.45
N PRO A 45 -26.95 3.42 3.22
CA PRO A 45 -25.56 3.15 2.80
C PRO A 45 -25.29 1.74 2.30
N PHE A 46 -26.31 1.03 1.79
CA PHE A 46 -26.13 -0.35 1.34
C PHE A 46 -26.35 -0.49 -0.16
N HIS A 47 -26.06 0.56 -0.92
CA HIS A 47 -26.38 0.55 -2.34
C HIS A 47 -25.40 -0.33 -3.12
N SER A 48 -25.93 -1.33 -3.83
CA SER A 48 -27.37 -1.63 -3.81
C SER A 48 -27.64 -3.12 -3.56
N LEU A 49 -26.68 -3.99 -3.87
CA LEU A 49 -26.87 -5.44 -3.72
C LEU A 49 -26.31 -5.93 -2.39
N ASN A 50 -26.85 -5.38 -1.31
CA ASN A 50 -26.43 -5.84 0.00
C ASN A 50 -26.98 -7.23 0.28
N THR A 51 -26.11 -8.12 0.76
CA THR A 51 -26.52 -9.49 1.07
C THR A 51 -26.44 -9.84 2.54
N GLY A 52 -26.09 -8.90 3.41
CA GLY A 52 -25.97 -9.18 4.83
C GLY A 52 -27.26 -8.83 5.55
N LEU A 53 -27.74 -9.77 6.37
CA LEU A 53 -28.88 -9.53 7.24
C LEU A 53 -28.44 -8.99 8.59
N HIS A 54 -27.14 -8.80 8.80
CA HIS A 54 -26.62 -8.43 10.11
C HIS A 54 -26.03 -7.02 10.12
N VAL A 55 -26.36 -6.18 9.15
CA VAL A 55 -25.80 -4.84 9.07
C VAL A 55 -26.88 -3.76 9.14
N GLN A 56 -28.04 -4.10 9.72
CA GLN A 56 -29.13 -3.15 9.94
C GLN A 56 -29.60 -2.48 8.65
N ASP A 57 -29.58 -3.23 7.55
CA ASP A 57 -30.28 -2.86 6.32
C ASP A 57 -31.74 -3.29 6.41
N HIS A 58 -32.55 -2.82 5.47
CA HIS A 58 -33.94 -3.23 5.39
C HIS A 58 -34.03 -4.70 5.01
N GLU A 59 -34.59 -5.50 5.93
CA GLU A 59 -34.47 -6.95 5.82
C GLU A 59 -35.04 -7.46 4.50
N GLN A 60 -36.22 -6.97 4.12
CA GLN A 60 -36.86 -7.40 2.88
C GLN A 60 -35.98 -7.11 1.66
N HIS A 61 -35.22 -6.03 1.69
CA HIS A 61 -34.33 -5.73 0.56
C HIS A 61 -33.20 -6.75 0.45
N VAL A 62 -32.65 -7.19 1.59
CA VAL A 62 -31.56 -8.16 1.58
C VAL A 62 -32.04 -9.52 1.05
N ILE A 63 -33.21 -9.96 1.53
CA ILE A 63 -33.77 -11.22 1.04
C ILE A 63 -34.05 -11.14 -0.45
N ASN A 64 -34.50 -9.97 -0.93
CA ASN A 64 -34.71 -9.80 -2.36
C ASN A 64 -33.38 -9.77 -3.11
N ASN A 65 -32.33 -9.17 -2.54
CA ASN A 65 -31.04 -9.25 -3.20
C ASN A 65 -30.54 -10.70 -3.27
N ARG A 66 -30.76 -11.47 -2.19
CA ARG A 66 -30.42 -12.89 -2.20
C ARG A 66 -31.33 -13.66 -3.16
N LYS A 67 -32.62 -13.33 -3.16
CA LYS A 67 -33.54 -13.99 -4.09
C LYS A 67 -33.14 -13.75 -5.53
N LYS A 68 -32.57 -12.58 -5.83
CA LYS A 68 -32.14 -12.30 -7.21
C LYS A 68 -30.90 -13.10 -7.56
N VAL A 69 -29.94 -13.19 -6.64
CA VAL A 69 -28.74 -13.96 -6.93
C VAL A 69 -29.07 -15.44 -7.08
N ALA A 70 -29.92 -15.97 -6.20
CA ALA A 70 -30.33 -17.37 -6.31
C ALA A 70 -30.97 -17.66 -7.65
N ASP A 71 -31.76 -16.71 -8.16
CA ASP A 71 -32.46 -16.94 -9.42
C ASP A 71 -31.50 -16.84 -10.62
N ILE A 72 -30.46 -16.02 -10.54
CA ILE A 72 -29.51 -15.97 -11.65
C ILE A 72 -28.79 -17.31 -11.77
N LEU A 73 -28.40 -17.89 -10.64
CA LEU A 73 -27.77 -19.21 -10.60
C LEU A 73 -28.77 -20.35 -10.81
N LYS A 74 -30.02 -20.01 -11.11
CA LYS A 74 -31.07 -21.01 -11.37
C LYS A 74 -31.13 -22.01 -10.23
N THR A 75 -31.25 -21.47 -9.00
CA THR A 75 -31.37 -22.27 -7.79
C THR A 75 -32.48 -21.70 -6.93
N ASP A 76 -32.76 -22.41 -5.84
CA ASP A 76 -33.74 -21.99 -4.85
C ASP A 76 -33.02 -21.55 -3.58
N LEU A 77 -33.46 -20.42 -3.02
CA LEU A 77 -32.86 -19.92 -1.79
C LEU A 77 -33.07 -20.88 -0.62
N HIS A 78 -34.04 -21.80 -0.73
CA HIS A 78 -34.25 -22.81 0.30
C HIS A 78 -33.08 -23.77 0.42
N ASP A 79 -32.29 -23.93 -0.62
CA ASP A 79 -31.15 -24.83 -0.61
C ASP A 79 -29.83 -24.09 -0.33
N TRP A 80 -29.91 -22.89 0.25
CA TRP A 80 -28.74 -22.13 0.63
C TRP A 80 -28.52 -22.21 2.14
N VAL A 81 -27.25 -22.05 2.56
CA VAL A 81 -26.88 -22.10 3.97
C VAL A 81 -25.95 -20.93 4.29
N PHE A 82 -26.27 -20.19 5.34
CA PHE A 82 -25.56 -18.99 5.75
C PHE A 82 -25.00 -19.16 7.16
N ALA A 83 -24.04 -18.31 7.52
CA ALA A 83 -23.36 -18.41 8.81
C ALA A 83 -23.47 -17.13 9.61
N ASP A 84 -23.60 -17.30 10.92
CA ASP A 84 -23.45 -16.23 11.89
C ASP A 84 -21.95 -16.04 12.08
N GLN A 85 -21.36 -15.10 11.35
CA GLN A 85 -19.92 -15.04 11.25
C GLN A 85 -19.34 -14.23 12.40
N THR A 86 -18.52 -14.89 13.24
CA THR A 86 -17.97 -14.28 14.44
C THR A 86 -16.45 -14.07 14.35
N HIS A 87 -15.86 -14.14 13.16
CA HIS A 87 -14.44 -13.85 12.98
C HIS A 87 -13.56 -14.75 13.85
N GLU A 88 -13.97 -15.99 14.03
CA GLU A 88 -13.19 -17.06 14.62
C GLU A 88 -12.97 -18.12 13.53
N ASP A 89 -12.76 -19.36 13.93
CA ASP A 89 -12.25 -20.35 13.00
C ASP A 89 -13.06 -21.64 13.00
N ARG A 90 -14.36 -21.54 13.23
CA ARG A 90 -15.22 -22.72 13.21
C ARG A 90 -15.62 -23.08 11.77
N ILE A 91 -15.44 -24.35 11.42
CA ILE A 91 -15.80 -24.86 10.10
C ILE A 91 -16.89 -25.90 10.28
N HIS A 92 -17.98 -25.73 9.57
CA HIS A 92 -19.13 -26.61 9.74
C HIS A 92 -19.31 -27.40 8.45
N LYS A 93 -19.49 -28.71 8.59
CA LYS A 93 -19.77 -29.58 7.45
C LYS A 93 -21.28 -29.56 7.22
N VAL A 94 -21.69 -28.86 6.15
CA VAL A 94 -23.11 -28.65 5.89
C VAL A 94 -23.73 -29.90 5.31
N THR A 95 -24.85 -30.34 5.89
CA THR A 95 -25.60 -31.50 5.40
C THR A 95 -27.01 -31.09 5.03
N ASP A 96 -27.79 -32.07 4.54
CA ASP A 96 -29.15 -31.79 4.06
C ASP A 96 -29.99 -31.11 5.13
N GLY A 97 -29.86 -31.56 6.38
CA GLY A 97 -30.63 -30.96 7.45
C GLY A 97 -30.37 -29.48 7.65
N ASP A 98 -29.17 -29.00 7.27
CA ASP A 98 -28.83 -27.60 7.42
C ASP A 98 -29.47 -26.72 6.38
N ARG A 99 -30.20 -27.30 5.42
CA ARG A 99 -30.74 -26.53 4.31
C ARG A 99 -31.54 -25.35 4.83
N ALA A 100 -31.47 -24.26 4.09
CA ALA A 100 -32.22 -23.02 4.33
C ALA A 100 -31.84 -22.32 5.63
N SER A 101 -30.80 -22.77 6.33
CA SER A 101 -30.45 -22.17 7.61
C SER A 101 -29.79 -20.81 7.37
N GLY A 102 -30.39 -19.76 7.93
CA GLY A 102 -29.89 -18.42 7.72
C GLY A 102 -30.23 -17.78 6.40
N ALA A 103 -30.93 -18.49 5.50
CA ALA A 103 -31.18 -17.98 4.15
C ALA A 103 -32.23 -16.88 4.16
N PHE A 104 -33.27 -17.01 5.00
CA PHE A 104 -34.30 -15.99 5.11
C PHE A 104 -34.28 -15.23 6.43
N ARG A 105 -33.61 -15.75 7.44
CA ARG A 105 -33.56 -15.13 8.75
C ARG A 105 -32.18 -15.39 9.29
N TYR A 106 -31.58 -14.37 9.92
CA TYR A 106 -30.28 -14.56 10.56
C TYR A 106 -30.38 -15.49 11.78
N ASP A 107 -31.58 -15.63 12.36
CA ASP A 107 -31.76 -16.42 13.56
C ASP A 107 -31.34 -17.87 13.37
N THR A 108 -31.44 -18.40 12.15
CA THR A 108 -31.08 -19.78 11.85
C THR A 108 -29.74 -19.93 11.13
N ALA A 109 -29.02 -18.83 10.90
CA ALA A 109 -27.67 -18.91 10.34
C ALA A 109 -26.79 -19.72 11.28
N LEU A 110 -25.81 -20.44 10.71
CA LEU A 110 -24.97 -21.33 11.51
C LEU A 110 -24.17 -20.53 12.57
N LYS A 111 -24.40 -20.85 13.85
CA LYS A 111 -23.94 -20.00 14.95
C LYS A 111 -22.42 -20.00 15.05
N ALA A 112 -21.84 -18.80 15.14
CA ALA A 112 -20.39 -18.63 15.36
C ALA A 112 -19.57 -19.41 14.35
N THR A 113 -19.93 -19.32 13.08
CA THR A 113 -19.30 -20.12 12.05
C THR A 113 -18.72 -19.24 10.95
N ASP A 114 -17.51 -19.58 10.52
CA ASP A 114 -16.84 -18.82 9.48
C ASP A 114 -16.25 -19.72 8.38
N GLY A 115 -16.47 -21.02 8.44
CA GLY A 115 -16.02 -21.92 7.40
C GLY A 115 -17.11 -22.92 7.08
N LEU A 116 -17.32 -23.19 5.79
CA LEU A 116 -18.38 -24.10 5.36
C LEU A 116 -17.85 -25.00 4.26
N TYR A 117 -18.25 -26.27 4.30
CA TYR A 117 -17.94 -27.16 3.19
C TYR A 117 -18.95 -28.29 3.16
N THR A 118 -19.09 -28.92 2.00
CA THR A 118 -20.08 -29.97 1.84
C THR A 118 -19.66 -30.89 0.70
N ASP A 119 -20.24 -32.10 0.69
CA ASP A 119 -20.12 -33.01 -0.45
C ASP A 119 -21.48 -33.32 -1.09
N ARG A 120 -22.58 -32.66 -0.64
CA ARG A 120 -23.93 -32.92 -1.09
C ARG A 120 -24.27 -32.06 -2.31
N PRO A 121 -25.11 -32.57 -3.21
CA PRO A 121 -25.47 -31.81 -4.40
C PRO A 121 -26.55 -30.76 -4.15
N ASN A 122 -26.51 -29.71 -4.99
CA ASN A 122 -27.54 -28.65 -5.00
C ASN A 122 -27.66 -28.01 -3.62
N LEU A 123 -26.52 -27.82 -2.97
CA LEU A 123 -26.49 -27.22 -1.65
C LEU A 123 -25.48 -26.09 -1.65
N PHE A 124 -25.96 -24.85 -1.66
CA PHE A 124 -25.10 -23.70 -1.89
C PHE A 124 -24.70 -23.04 -0.56
N LEU A 125 -23.39 -22.90 -0.37
CA LEU A 125 -22.81 -22.34 0.85
C LEU A 125 -22.53 -20.85 0.62
N ALA A 126 -22.73 -20.03 1.65
CA ALA A 126 -22.65 -18.58 1.46
C ALA A 126 -22.02 -17.84 2.64
N LEU A 127 -20.99 -17.01 2.35
CA LEU A 127 -20.34 -16.15 3.34
C LEU A 127 -20.31 -14.68 2.89
N CYS A 128 -20.48 -13.78 3.86
CA CYS A 128 -20.61 -12.35 3.61
C CYS A 128 -19.27 -11.64 3.78
N PHE A 129 -19.04 -10.64 2.91
CA PHE A 129 -17.75 -10.01 2.80
C PHE A 129 -17.89 -8.54 2.47
N ALA A 130 -16.97 -7.73 3.00
CA ALA A 130 -16.87 -6.34 2.60
C ALA A 130 -15.47 -5.82 2.93
N ASP A 131 -14.44 -6.64 2.71
CA ASP A 131 -13.02 -6.36 2.90
C ASP A 131 -12.23 -7.61 3.33
N CYS A 132 -12.78 -8.43 4.22
CA CYS A 132 -12.10 -9.64 4.68
C CYS A 132 -11.89 -10.62 3.52
N VAL A 133 -10.99 -11.58 3.74
CA VAL A 133 -10.50 -12.50 2.71
C VAL A 133 -11.44 -13.69 2.47
N PRO A 134 -11.99 -13.82 1.27
CA PRO A 134 -12.75 -15.03 0.93
C PRO A 134 -11.87 -16.12 0.34
N VAL A 135 -11.98 -17.34 0.84
CA VAL A 135 -11.23 -18.46 0.30
C VAL A 135 -12.19 -19.51 -0.25
N TYR A 136 -11.85 -20.08 -1.39
CA TYR A 136 -12.62 -21.15 -1.98
C TYR A 136 -11.79 -22.43 -2.00
N PHE A 137 -12.46 -23.57 -1.89
CA PHE A 137 -11.79 -24.85 -1.82
C PHE A 137 -12.54 -25.83 -2.67
N TYR A 138 -11.82 -26.55 -3.53
CA TYR A 138 -12.46 -27.54 -4.38
C TYR A 138 -11.55 -28.73 -4.54
N ASP A 139 -12.06 -29.91 -4.20
CA ASP A 139 -11.38 -31.18 -4.46
C ASP A 139 -12.15 -31.94 -5.54
N PRO A 140 -11.67 -31.98 -6.78
CA PRO A 140 -12.42 -32.70 -7.82
C PRO A 140 -12.39 -34.18 -7.67
N VAL A 141 -11.44 -34.74 -6.92
CA VAL A 141 -11.38 -36.18 -6.68
C VAL A 141 -12.47 -36.59 -5.68
N ARG A 142 -12.50 -35.93 -4.51
CA ARG A 142 -13.48 -36.24 -3.47
C ARG A 142 -14.82 -35.52 -3.68
N SER A 143 -14.87 -34.58 -4.62
CA SER A 143 -16.06 -33.77 -4.92
C SER A 143 -16.51 -33.00 -3.68
N LEU A 144 -15.59 -32.20 -3.15
CA LEU A 144 -15.82 -31.34 -2.02
C LEU A 144 -15.69 -29.90 -2.46
N VAL A 145 -16.61 -29.07 -1.98
CA VAL A 145 -16.55 -27.64 -2.18
C VAL A 145 -16.59 -27.00 -0.79
N GLY A 146 -15.86 -25.90 -0.64
CA GLY A 146 -15.83 -25.22 0.64
C GLY A 146 -15.55 -23.74 0.48
N ILE A 147 -15.95 -22.98 1.50
CA ILE A 147 -15.62 -21.57 1.57
C ILE A 147 -15.33 -21.18 3.00
N ALA A 148 -14.39 -20.24 3.16
CA ALA A 148 -14.01 -19.74 4.46
C ALA A 148 -13.87 -18.22 4.43
N HIS A 149 -14.24 -17.60 5.56
CA HIS A 149 -14.20 -16.16 5.76
C HIS A 149 -13.06 -15.81 6.71
N ALA A 150 -12.05 -15.08 6.21
CA ALA A 150 -10.83 -14.81 6.98
C ALA A 150 -10.54 -13.32 7.01
N GLY A 151 -10.93 -12.65 8.10
CA GLY A 151 -10.40 -11.34 8.42
C GLY A 151 -8.99 -11.48 8.99
N TRP A 152 -8.53 -10.44 9.67
CA TRP A 152 -7.22 -10.58 10.30
C TRP A 152 -7.26 -11.60 11.44
N LYS A 153 -8.39 -11.67 12.15
CA LYS A 153 -8.54 -12.65 13.23
C LYS A 153 -8.54 -14.07 12.68
N GLY A 154 -9.45 -14.35 11.74
CA GLY A 154 -9.49 -15.68 11.15
C GLY A 154 -8.21 -16.02 10.46
N THR A 155 -7.48 -15.02 9.97
CA THR A 155 -6.19 -15.29 9.35
C THR A 155 -5.18 -15.71 10.41
N ALA A 156 -5.09 -14.93 11.49
CA ALA A 156 -4.19 -15.31 12.58
C ALA A 156 -4.57 -16.68 13.16
N LEU A 157 -5.86 -17.05 13.12
CA LEU A 157 -6.26 -18.36 13.62
C LEU A 157 -5.93 -19.48 12.65
N GLY A 158 -5.66 -19.14 11.38
CA GLY A 158 -5.39 -20.15 10.38
C GLY A 158 -6.63 -20.91 9.96
N ILE A 159 -7.77 -20.23 9.86
CA ILE A 159 -9.00 -20.91 9.44
C ILE A 159 -8.83 -21.54 8.06
N ALA A 160 -7.99 -20.94 7.19
CA ALA A 160 -7.78 -21.51 5.86
C ALA A 160 -7.01 -22.85 5.94
N ALA A 161 -6.04 -22.94 6.84
CA ALA A 161 -5.31 -24.20 6.96
C ALA A 161 -6.16 -25.28 7.61
N SER A 162 -7.10 -24.88 8.48
CA SER A 162 -7.99 -25.86 9.09
C SER A 162 -8.91 -26.51 8.07
N MET A 163 -9.33 -25.76 7.07
CA MET A 163 -10.14 -26.36 6.02
C MET A 163 -9.39 -27.50 5.36
N VAL A 164 -8.11 -27.26 5.03
CA VAL A 164 -7.32 -28.28 4.37
C VAL A 164 -7.04 -29.44 5.31
N ASP A 165 -6.75 -29.14 6.59
CA ASP A 165 -6.53 -30.21 7.55
C ASP A 165 -7.80 -31.04 7.76
N MET A 166 -8.97 -30.37 7.72
CA MET A 166 -10.25 -31.05 7.86
C MET A 166 -10.56 -31.92 6.65
N TRP A 167 -10.19 -31.48 5.44
CA TRP A 167 -10.42 -32.34 4.28
C TRP A 167 -9.46 -33.51 4.27
N ILE A 168 -8.23 -33.28 4.73
CA ILE A 168 -7.25 -34.35 4.78
C ILE A 168 -7.60 -35.35 5.86
N ARG A 169 -7.98 -34.87 7.04
CA ARG A 169 -8.12 -35.79 8.17
C ARG A 169 -9.52 -36.39 8.30
N ARG A 170 -10.58 -35.64 8.00
CA ARG A 170 -11.93 -36.21 8.11
C ARG A 170 -12.43 -36.77 6.78
N GLU A 171 -11.98 -36.23 5.65
CA GLU A 171 -12.57 -36.58 4.37
C GLU A 171 -11.67 -37.41 3.47
N GLY A 172 -10.42 -37.65 3.87
CA GLY A 172 -9.54 -38.44 3.04
C GLY A 172 -9.03 -37.74 1.80
N SER A 173 -9.01 -36.41 1.80
CA SER A 173 -8.46 -35.71 0.65
C SER A 173 -6.95 -35.93 0.57
N ASN A 174 -6.46 -36.02 -0.65
CA ASN A 174 -5.06 -35.80 -0.92
C ASN A 174 -4.86 -34.31 -1.12
N PRO A 175 -4.01 -33.65 -0.33
CA PRO A 175 -3.84 -32.19 -0.49
C PRO A 175 -3.38 -31.76 -1.87
N ALA A 176 -2.70 -32.64 -2.62
CA ALA A 176 -2.32 -32.31 -4.00
C ALA A 176 -3.54 -32.15 -4.91
N ASP A 177 -4.67 -32.76 -4.56
CA ASP A 177 -5.88 -32.67 -5.37
C ASP A 177 -6.68 -31.41 -5.09
N ILE A 178 -6.37 -30.66 -4.03
CA ILE A 178 -7.22 -29.55 -3.63
C ILE A 178 -6.88 -28.32 -4.45
N ARG A 179 -7.91 -27.64 -4.94
CA ARG A 179 -7.80 -26.35 -5.59
C ARG A 179 -8.35 -25.29 -4.66
N ALA A 180 -7.81 -24.08 -4.76
CA ALA A 180 -8.21 -22.97 -3.91
C ALA A 180 -8.22 -21.66 -4.70
N VAL A 181 -9.17 -20.80 -4.36
CA VAL A 181 -9.23 -19.47 -4.93
C VAL A 181 -9.38 -18.46 -3.79
N ILE A 182 -8.62 -17.36 -3.86
CA ILE A 182 -8.71 -16.24 -2.93
C ILE A 182 -9.36 -15.08 -3.69
N GLY A 183 -10.50 -14.59 -3.17
CA GLY A 183 -11.33 -13.63 -3.86
C GLY A 183 -11.01 -12.19 -3.53
N PRO A 184 -11.87 -11.27 -3.99
CA PRO A 184 -11.67 -9.85 -3.69
C PRO A 184 -11.70 -9.59 -2.19
N ALA A 185 -10.64 -8.94 -1.73
CA ALA A 185 -10.51 -8.50 -0.35
C ALA A 185 -9.65 -7.23 -0.37
N ILE A 186 -9.55 -6.60 0.81
CA ILE A 186 -8.79 -5.36 0.94
C ILE A 186 -7.30 -5.65 0.74
N GLY A 187 -6.66 -4.86 -0.14
CA GLY A 187 -5.24 -5.04 -0.40
C GLY A 187 -4.39 -4.35 0.64
N SER A 188 -3.11 -4.72 0.67
CA SER A 188 -2.17 -4.05 1.55
C SER A 188 -2.06 -2.58 1.21
N CYS A 189 -2.44 -2.22 -0.03
CA CYS A 189 -2.50 -0.82 -0.43
C CYS A 189 -3.36 0.00 0.51
N CYS A 190 -4.43 -0.57 1.06
CA CYS A 190 -5.36 0.21 1.88
C CYS A 190 -5.49 -0.29 3.31
N TYR A 191 -4.65 -1.20 3.78
CA TYR A 191 -4.88 -1.87 5.07
C TYR A 191 -3.68 -1.73 5.99
N THR A 192 -3.84 -0.99 7.10
CA THR A 192 -2.78 -0.88 8.09
C THR A 192 -3.27 -1.33 9.46
N VAL A 193 -2.39 -1.97 10.23
CA VAL A 193 -2.76 -2.61 11.48
C VAL A 193 -1.77 -2.22 12.57
N ASP A 194 -2.17 -2.45 13.82
CA ASP A 194 -1.31 -2.17 14.97
C ASP A 194 -0.48 -3.41 15.33
N ASP A 195 0.27 -3.31 16.44
CA ASP A 195 1.03 -4.43 16.96
C ASP A 195 0.13 -5.56 17.38
N HIS A 196 -1.05 -5.25 17.89
CA HIS A 196 -1.90 -6.31 18.42
C HIS A 196 -2.24 -7.31 17.32
N VAL A 197 -2.47 -6.83 16.10
CA VAL A 197 -2.75 -7.72 14.98
C VAL A 197 -1.47 -8.41 14.53
N ILE A 198 -0.40 -7.63 14.34
CA ILE A 198 0.82 -8.15 13.75
C ILE A 198 1.45 -9.19 14.67
N ASP A 199 1.40 -8.95 15.97
CA ASP A 199 1.90 -9.97 16.91
C ASP A 199 1.18 -11.29 16.71
N LYS A 200 -0.13 -11.24 16.42
CA LYS A 200 -0.87 -12.48 16.24
C LYS A 200 -0.59 -13.12 14.89
N ILE A 201 -0.39 -12.31 13.86
CA ILE A 201 0.02 -12.82 12.55
C ILE A 201 1.39 -13.49 12.63
N ARG A 202 2.38 -12.78 13.17
CA ARG A 202 3.72 -13.32 13.19
C ARG A 202 3.84 -14.58 14.06
N ASN A 203 2.78 -14.95 14.78
CA ASN A 203 2.75 -16.18 15.57
C ASN A 203 2.12 -17.34 14.83
N LEU A 204 1.84 -17.16 13.53
CA LEU A 204 1.36 -18.26 12.72
C LEU A 204 2.49 -19.27 12.50
N PRO A 205 2.14 -20.55 12.29
CA PRO A 205 3.18 -21.58 12.09
C PRO A 205 3.99 -21.37 10.82
N LEU A 206 3.80 -20.24 10.16
CA LEU A 206 4.63 -19.89 9.02
C LEU A 206 5.96 -19.37 9.52
N GLN A 207 7.02 -19.72 8.81
CA GLN A 207 8.32 -19.17 9.15
C GLN A 207 8.57 -17.86 8.41
N GLN A 208 7.95 -17.68 7.26
CA GLN A 208 8.08 -16.45 6.48
C GLN A 208 6.86 -15.56 6.66
N GLU A 209 6.48 -15.34 7.93
CA GLU A 209 5.30 -14.53 8.22
C GLU A 209 5.50 -13.09 7.76
N ASP A 210 6.73 -12.56 7.95
CA ASP A 210 7.02 -11.16 7.68
C ASP A 210 7.06 -10.84 6.19
N LYS A 211 6.97 -11.85 5.32
CA LYS A 211 6.92 -11.54 3.90
C LYS A 211 5.64 -10.78 3.55
N ALA A 212 4.61 -10.83 4.39
CA ALA A 212 3.32 -10.24 4.05
C ALA A 212 3.04 -8.91 4.73
N PHE A 213 3.96 -8.40 5.53
CA PHE A 213 3.75 -7.11 6.17
C PHE A 213 5.05 -6.33 6.21
N LEU A 214 4.93 -5.00 6.25
CA LEU A 214 6.07 -4.12 6.44
C LEU A 214 5.71 -3.09 7.49
N THR A 215 6.72 -2.31 7.89
CA THR A 215 6.62 -1.27 8.90
C THR A 215 6.65 0.09 8.20
N ILE A 216 5.57 0.85 8.31
CA ILE A 216 5.59 2.24 7.86
C ILE A 216 6.36 3.09 8.87
N LYS A 217 5.89 3.07 10.12
CA LYS A 217 6.52 3.75 11.23
C LYS A 217 6.27 2.86 12.44
N GLU A 218 6.89 3.20 13.56
CA GLU A 218 6.74 2.34 14.73
C GLU A 218 5.28 2.21 15.10
N GLY A 219 4.80 0.98 15.19
CA GLY A 219 3.43 0.68 15.56
C GLY A 219 2.42 0.70 14.43
N GLU A 220 2.81 1.07 13.21
CA GLU A 220 1.90 1.00 12.07
C GLU A 220 2.49 0.12 10.99
N TYR A 221 1.69 -0.82 10.51
CA TYR A 221 2.16 -1.86 9.61
C TYR A 221 1.18 -2.00 8.45
N ARG A 222 1.72 -2.20 7.27
CA ARG A 222 0.97 -2.56 6.08
C ARG A 222 0.90 -4.07 6.03
N LEU A 223 -0.27 -4.61 5.69
CA LEU A 223 -0.50 -6.05 5.80
C LEU A 223 -1.32 -6.54 4.61
N GLU A 224 -0.83 -7.60 3.95
CA GLU A 224 -1.52 -8.23 2.82
C GLU A 224 -2.18 -9.53 3.27
N LEU A 225 -3.47 -9.46 3.60
CA LEU A 225 -4.13 -10.62 4.22
C LEU A 225 -4.30 -11.78 3.25
N LYS A 226 -4.38 -11.50 1.94
CA LYS A 226 -4.45 -12.57 0.95
C LYS A 226 -3.19 -13.41 0.94
N GLU A 227 -2.04 -12.76 1.16
CA GLU A 227 -0.77 -13.47 1.03
C GLU A 227 -0.53 -14.38 2.22
N VAL A 228 -0.90 -13.95 3.41
CA VAL A 228 -0.79 -14.83 4.57
C VAL A 228 -1.65 -16.05 4.37
N ASN A 229 -2.86 -15.85 3.84
CA ASN A 229 -3.71 -17.00 3.59
C ASN A 229 -3.14 -17.89 2.48
N ARG A 230 -2.63 -17.28 1.40
CA ARG A 230 -1.97 -18.11 0.39
C ARG A 230 -0.82 -18.89 1.01
N GLN A 231 -0.06 -18.26 1.89
CA GLN A 231 1.02 -18.97 2.56
C GLN A 231 0.48 -20.10 3.41
N LEU A 232 -0.68 -19.89 4.04
CA LEU A 232 -1.23 -20.92 4.91
C LEU A 232 -1.75 -22.12 4.13
N LEU A 233 -2.25 -21.90 2.91
CA LEU A 233 -2.67 -23.00 2.04
C LEU A 233 -1.46 -23.83 1.60
N VAL A 234 -0.39 -23.16 1.16
CA VAL A 234 0.81 -23.87 0.72
C VAL A 234 1.40 -24.66 1.89
N HIS A 235 1.43 -24.03 3.07
CA HIS A 235 1.83 -24.72 4.28
C HIS A 235 0.94 -25.93 4.52
N ALA A 236 -0.35 -25.78 4.27
CA ALA A 236 -1.27 -26.87 4.55
C ALA A 236 -1.11 -28.04 3.58
N GLY A 237 -0.44 -27.84 2.45
CA GLY A 237 -0.24 -28.92 1.51
C GLY A 237 -0.81 -28.65 0.14
N ILE A 238 -1.45 -27.53 -0.08
CA ILE A 238 -1.96 -27.24 -1.42
C ILE A 238 -0.78 -26.76 -2.28
N PRO A 239 -0.58 -27.33 -3.47
CA PRO A 239 0.50 -26.84 -4.33
C PRO A 239 0.20 -25.42 -4.79
N ASN A 240 1.24 -24.58 -4.78
CA ASN A 240 1.05 -23.17 -5.10
C ASN A 240 0.44 -22.97 -6.49
N GLY A 241 0.76 -23.88 -7.43
CA GLY A 241 0.21 -23.79 -8.77
C GLY A 241 -1.31 -23.91 -8.81
N GLN A 242 -1.89 -24.57 -7.80
CA GLN A 242 -3.33 -24.77 -7.73
C GLN A 242 -4.03 -23.72 -6.87
N ILE A 243 -3.38 -22.58 -6.62
CA ILE A 243 -3.99 -21.46 -5.90
C ILE A 243 -3.98 -20.23 -6.80
N GLU A 244 -5.15 -19.59 -6.94
CA GLU A 244 -5.27 -18.37 -7.72
C GLU A 244 -5.80 -17.26 -6.83
N VAL A 245 -5.06 -16.16 -6.78
CA VAL A 245 -5.38 -15.02 -5.94
C VAL A 245 -5.89 -13.88 -6.82
N SER A 246 -7.12 -13.45 -6.59
CA SER A 246 -7.68 -12.29 -7.26
C SER A 246 -6.92 -11.03 -6.84
N SER A 247 -6.58 -10.19 -7.81
CA SER A 247 -5.86 -8.97 -7.51
C SER A 247 -6.78 -7.83 -7.07
N LEU A 248 -8.10 -8.03 -7.10
CA LEU A 248 -9.04 -6.96 -6.84
C LEU A 248 -9.03 -6.58 -5.36
N CYS A 249 -8.93 -5.28 -5.10
CA CYS A 249 -8.99 -4.71 -3.76
C CYS A 249 -10.40 -4.15 -3.53
N THR A 250 -11.05 -4.59 -2.47
CA THR A 250 -12.41 -4.14 -2.22
C THR A 250 -12.45 -2.64 -1.89
N SER A 251 -11.40 -2.13 -1.23
CA SER A 251 -11.33 -0.71 -0.96
C SER A 251 -11.12 0.10 -2.25
N CYS A 252 -10.21 -0.35 -3.12
CA CYS A 252 -9.89 0.44 -4.30
C CYS A 252 -11.04 0.47 -5.30
N GLU A 253 -11.70 -0.66 -5.52
CA GLU A 253 -12.68 -0.80 -6.60
C GLU A 253 -14.00 -0.20 -6.13
N ARG A 254 -14.14 1.10 -6.30
CA ARG A 254 -15.31 1.77 -5.74
C ARG A 254 -16.59 1.46 -6.52
N SER A 255 -16.49 1.17 -7.80
CA SER A 255 -17.70 0.87 -8.55
C SER A 255 -18.12 -0.59 -8.43
N LEU A 256 -17.35 -1.43 -7.76
CA LEU A 256 -17.60 -2.87 -7.70
C LEU A 256 -17.98 -3.39 -6.33
N PHE A 257 -17.35 -2.93 -5.25
CA PHE A 257 -17.47 -3.62 -3.98
C PHE A 257 -17.84 -2.68 -2.83
N PHE A 258 -18.49 -3.23 -1.80
CA PHE A 258 -18.53 -2.56 -0.51
C PHE A 258 -17.17 -2.72 0.15
N SER A 259 -16.79 -1.73 0.95
CA SER A 259 -15.56 -1.84 1.72
C SER A 259 -15.76 -1.28 3.11
N HIS A 260 -15.51 -2.12 4.12
CA HIS A 260 -15.66 -1.69 5.50
C HIS A 260 -14.74 -0.52 5.82
N ARG A 261 -13.52 -0.56 5.29
CA ARG A 261 -12.53 0.49 5.57
C ARG A 261 -12.85 1.78 4.83
N ARG A 262 -13.14 1.68 3.53
CA ARG A 262 -13.40 2.87 2.73
C ARG A 262 -14.68 3.58 3.18
N ASP A 263 -15.72 2.84 3.49
CA ASP A 263 -17.03 3.42 3.77
C ASP A 263 -17.21 3.82 5.24
N ARG A 264 -16.17 3.71 6.07
CA ARG A 264 -16.22 4.22 7.44
C ARG A 264 -17.27 3.47 8.29
N GLY A 265 -17.31 2.14 8.13
CA GLY A 265 -17.95 1.24 9.07
C GLY A 265 -19.41 0.88 8.83
N LYS A 266 -20.17 1.67 8.06
CA LYS A 266 -21.57 1.30 7.79
C LYS A 266 -21.75 1.09 6.29
N THR A 267 -21.88 -0.17 5.87
CA THR A 267 -21.90 -0.49 4.44
C THR A 267 -22.54 -1.86 4.23
N GLY A 268 -22.75 -2.21 2.96
CA GLY A 268 -23.28 -3.51 2.62
C GLY A 268 -22.20 -4.59 2.64
N ARG A 269 -22.61 -5.81 2.28
CA ARG A 269 -21.73 -6.97 2.21
C ARG A 269 -21.99 -7.68 0.91
N MET A 270 -20.93 -8.01 0.19
CA MET A 270 -21.02 -8.98 -0.89
C MET A 270 -21.09 -10.38 -0.28
N MET A 271 -21.29 -11.39 -1.12
CA MET A 271 -21.21 -12.76 -0.61
C MET A 271 -20.45 -13.64 -1.57
N SER A 272 -19.70 -14.59 -1.02
CA SER A 272 -19.16 -15.69 -1.79
C SER A 272 -20.11 -16.89 -1.68
N PHE A 273 -20.16 -17.69 -2.73
CA PHE A 273 -21.05 -18.84 -2.79
C PHE A 273 -20.39 -19.96 -3.56
N ILE A 274 -20.69 -21.19 -3.17
CA ILE A 274 -20.20 -22.35 -3.88
C ILE A 274 -21.16 -23.51 -3.64
N GLY A 275 -21.27 -24.38 -4.64
CA GLY A 275 -22.14 -25.54 -4.52
C GLY A 275 -21.97 -26.46 -5.71
N LEU A 276 -22.39 -27.70 -5.52
CA LEU A 276 -22.37 -28.73 -6.55
C LEU A 276 -23.80 -28.98 -7.01
N LYS A 277 -24.01 -29.18 -8.31
CA LYS A 277 -25.36 -29.42 -8.80
C LYS A 277 -25.55 -30.83 -9.37
N TYR B 4 0.95 17.94 8.58
CA TYR B 4 2.11 18.11 7.69
C TYR B 4 3.43 17.94 8.43
N ASN B 5 3.34 17.88 9.76
CA ASN B 5 4.50 17.84 10.64
C ASN B 5 5.49 16.76 10.21
N PRO B 6 6.81 17.05 10.21
CA PRO B 6 7.52 18.22 10.72
C PRO B 6 7.52 19.45 9.80
N PHE B 7 6.70 19.43 8.76
CA PHE B 7 6.54 20.57 7.88
C PHE B 7 5.29 21.36 8.29
N ARG B 8 5.30 22.64 7.94
CA ARG B 8 4.16 23.52 8.15
C ARG B 8 3.83 24.22 6.84
N LEU B 9 2.54 24.29 6.49
CA LEU B 9 2.15 25.02 5.29
C LEU B 9 2.17 26.49 5.68
N ASP B 10 3.29 27.17 5.37
CA ASP B 10 3.44 28.59 5.65
C ASP B 10 2.91 29.43 4.52
N ALA B 11 2.59 28.82 3.40
CA ALA B 11 2.10 29.47 2.19
C ALA B 11 1.70 28.37 1.22
N PRO B 12 0.90 28.69 0.21
CA PRO B 12 0.37 27.60 -0.63
C PRO B 12 1.47 26.82 -1.33
N SER B 13 2.57 27.47 -1.68
CA SER B 13 3.63 26.82 -2.43
C SER B 13 4.59 26.08 -1.54
N MET B 14 4.68 26.43 -0.25
CA MET B 14 5.81 26.02 0.59
C MET B 14 5.40 25.30 1.86
N LEU B 15 6.14 24.24 2.16
CA LEU B 15 6.15 23.57 3.45
C LEU B 15 7.48 23.85 4.11
N LEU B 16 7.47 24.20 5.40
CA LEU B 16 8.70 24.56 6.08
C LEU B 16 8.97 23.59 7.22
N ILE B 17 10.23 23.16 7.36
CA ILE B 17 10.61 22.31 8.49
C ILE B 17 10.54 23.15 9.77
N GLU B 18 9.64 22.76 10.67
CA GLU B 18 9.24 23.62 11.78
C GLU B 18 10.40 23.93 12.72
N GLU B 19 10.95 22.90 13.36
CA GLU B 19 11.92 23.14 14.42
C GLU B 19 13.19 23.84 13.92
N TRP B 20 13.51 23.74 12.62
CA TRP B 20 14.82 24.20 12.15
C TRP B 20 14.93 25.72 12.02
N ASN B 21 13.86 26.44 11.71
CA ASN B 21 14.02 27.91 11.74
C ASN B 21 13.93 28.43 13.18
N GLN B 29 21.26 30.91 10.54
CA GLN B 29 19.86 30.49 10.65
C GLN B 29 19.49 29.52 9.52
N VAL B 30 18.87 28.40 9.84
CA VAL B 30 18.55 27.40 8.83
C VAL B 30 17.19 27.70 8.22
N THR B 31 17.14 27.71 6.90
CA THR B 31 15.89 27.71 6.15
C THR B 31 15.81 26.42 5.35
N ALA B 32 14.80 25.60 5.63
CA ALA B 32 14.66 24.32 4.96
C ALA B 32 13.19 24.09 4.67
N GLY B 33 12.91 23.42 3.56
CA GLY B 33 11.52 23.14 3.27
C GLY B 33 11.33 22.38 1.98
N PHE B 34 10.07 22.37 1.54
CA PHE B 34 9.63 21.56 0.43
C PHE B 34 8.46 22.25 -0.25
N THR B 35 8.52 22.36 -1.57
CA THR B 35 7.47 23.09 -2.23
C THR B 35 6.29 22.19 -2.57
N THR B 36 5.18 22.84 -2.91
CA THR B 36 3.99 22.19 -3.38
C THR B 36 3.80 22.53 -4.85
N LYS B 37 2.89 21.81 -5.50
CA LYS B 37 2.61 22.09 -6.91
C LYS B 37 1.79 23.36 -7.13
N ASN B 38 1.19 23.92 -6.09
CA ASN B 38 0.25 25.02 -6.23
C ASN B 38 0.96 26.38 -6.13
N GLY B 39 0.36 27.38 -6.79
CA GLY B 39 0.90 28.72 -6.77
C GLY B 39 1.89 29.01 -7.88
N GLY B 40 1.84 28.27 -9.01
CA GLY B 40 2.81 28.44 -10.08
C GLY B 40 2.27 28.95 -11.40
N GLU B 41 3.12 28.97 -12.44
CA GLU B 41 2.76 29.48 -13.76
C GLU B 41 2.63 28.41 -14.83
N SER B 42 3.02 27.17 -14.53
CA SER B 42 3.17 26.14 -15.56
C SER B 42 1.82 25.59 -15.98
N GLU B 43 1.73 25.28 -17.27
CA GLU B 43 0.55 24.64 -17.80
C GLU B 43 0.63 23.14 -17.56
N PRO B 44 -0.50 22.45 -17.66
CA PRO B 44 -0.47 20.99 -17.67
C PRO B 44 0.45 20.48 -18.77
N PRO B 45 1.09 19.32 -18.56
CA PRO B 45 0.93 18.49 -17.35
C PRO B 45 1.80 18.87 -16.14
N PHE B 46 2.22 20.12 -16.05
CA PHE B 46 3.08 20.56 -14.96
C PHE B 46 2.38 21.61 -14.09
N HIS B 47 1.05 21.54 -13.97
CA HIS B 47 0.33 22.58 -13.24
C HIS B 47 0.58 22.44 -11.74
N SER B 48 1.07 23.49 -11.09
CA SER B 48 1.45 24.73 -11.74
C SER B 48 2.84 25.22 -11.34
N LEU B 49 3.30 24.81 -10.15
CA LEU B 49 4.60 25.25 -9.63
C LEU B 49 5.71 24.24 -9.92
N ASN B 50 5.91 23.95 -11.21
CA ASN B 50 6.99 23.04 -11.59
C ASN B 50 8.34 23.73 -11.45
N THR B 51 9.29 23.08 -10.78
CA THR B 51 10.61 23.67 -10.60
C THR B 51 11.71 22.91 -11.33
N GLY B 52 11.34 21.90 -12.14
CA GLY B 52 12.32 21.12 -12.87
C GLY B 52 12.49 21.65 -14.27
N LEU B 53 13.76 21.82 -14.67
CA LEU B 53 14.16 22.21 -16.01
C LEU B 53 14.45 21.01 -16.90
N HIS B 54 14.29 19.80 -16.38
CA HIS B 54 14.68 18.60 -17.10
C HIS B 54 13.47 17.77 -17.51
N VAL B 55 12.28 18.37 -17.49
CA VAL B 55 11.08 17.62 -17.80
C VAL B 55 10.35 18.23 -18.99
N GLN B 56 11.08 19.01 -19.79
CA GLN B 56 10.57 19.61 -21.03
C GLN B 56 9.30 20.42 -20.77
N ASP B 57 9.30 21.12 -19.66
CA ASP B 57 8.39 22.21 -19.38
C ASP B 57 8.90 23.49 -20.06
N HIS B 58 8.03 24.49 -20.15
CA HIS B 58 8.45 25.78 -20.70
C HIS B 58 9.45 26.43 -19.76
N GLU B 59 10.66 26.68 -20.27
CA GLU B 59 11.76 27.07 -19.39
CA GLU B 59 11.77 27.09 -19.41
C GLU B 59 11.44 28.34 -18.61
N GLN B 60 10.87 29.37 -19.27
CA GLN B 60 10.57 30.61 -18.57
C GLN B 60 9.61 30.41 -17.41
N HIS B 61 8.64 29.50 -17.56
CA HIS B 61 7.70 29.26 -16.47
C HIS B 61 8.41 28.64 -15.28
N VAL B 62 9.33 27.70 -15.55
CA VAL B 62 10.05 27.02 -14.47
C VAL B 62 10.93 28.02 -13.71
N ILE B 63 11.60 28.92 -14.44
CA ILE B 63 12.40 29.93 -13.78
C ILE B 63 11.52 30.86 -12.95
N ASN B 64 10.33 31.18 -13.45
CA ASN B 64 9.46 32.07 -12.70
C ASN B 64 8.95 31.40 -11.42
N ASN B 65 8.64 30.11 -11.50
CA ASN B 65 8.22 29.38 -10.29
C ASN B 65 9.35 29.29 -9.27
N ARG B 66 10.59 29.09 -9.75
CA ARG B 66 11.76 29.14 -8.87
C ARG B 66 11.98 30.54 -8.31
N LYS B 67 11.80 31.58 -9.13
CA LYS B 67 11.91 32.96 -8.63
C LYS B 67 10.87 33.25 -7.53
N LYS B 68 9.67 32.64 -7.62
CA LYS B 68 8.64 32.92 -6.62
C LYS B 68 9.00 32.30 -5.28
N VAL B 69 9.57 31.09 -5.31
CA VAL B 69 10.01 30.45 -4.07
C VAL B 69 11.18 31.20 -3.47
N ALA B 70 12.14 31.60 -4.32
CA ALA B 70 13.30 32.36 -3.86
C ALA B 70 12.88 33.69 -3.24
N ASP B 71 11.86 34.33 -3.80
CA ASP B 71 11.41 35.62 -3.27
C ASP B 71 10.64 35.48 -1.95
N ILE B 72 9.90 34.38 -1.77
CA ILE B 72 9.22 34.13 -0.50
C ILE B 72 10.25 33.96 0.61
N LEU B 73 11.30 33.19 0.35
CA LEU B 73 12.39 33.01 1.30
C LEU B 73 13.31 34.20 1.38
N LYS B 74 12.97 35.32 0.74
CA LYS B 74 13.79 36.53 0.74
C LYS B 74 15.24 36.22 0.35
N THR B 75 15.40 35.59 -0.81
CA THR B 75 16.71 35.32 -1.39
C THR B 75 16.67 35.62 -2.89
N ASP B 76 17.85 35.56 -3.52
CA ASP B 76 18.04 35.69 -4.96
C ASP B 76 18.38 34.33 -5.55
N LEU B 77 17.84 34.01 -6.74
CA LEU B 77 18.13 32.71 -7.35
C LEU B 77 19.59 32.55 -7.73
N HIS B 78 20.34 33.64 -7.77
CA HIS B 78 21.77 33.58 -8.00
C HIS B 78 22.50 32.86 -6.88
N ASP B 79 21.93 32.81 -5.69
CA ASP B 79 22.59 32.19 -4.56
C ASP B 79 22.13 30.76 -4.34
N TRP B 80 21.47 30.17 -5.36
CA TRP B 80 21.01 28.80 -5.29
C TRP B 80 21.88 27.90 -6.16
N VAL B 81 21.91 26.62 -5.79
CA VAL B 81 22.68 25.64 -6.56
C VAL B 81 21.80 24.41 -6.76
N PHE B 82 21.72 23.94 -8.01
CA PHE B 82 20.91 22.82 -8.41
C PHE B 82 21.82 21.73 -8.97
N ALA B 83 21.30 20.51 -9.02
CA ALA B 83 22.06 19.35 -9.45
C ALA B 83 21.39 18.68 -10.64
N ASP B 84 22.21 18.20 -11.56
CA ASP B 84 21.75 17.27 -12.59
C ASP B 84 21.64 15.90 -11.94
N GLN B 85 20.42 15.53 -11.56
CA GLN B 85 20.16 14.35 -10.73
C GLN B 85 20.11 13.09 -11.60
N THR B 86 21.04 12.17 -11.38
CA THR B 86 21.17 10.97 -12.21
C THR B 86 20.89 9.69 -11.44
N HIS B 87 20.24 9.81 -10.27
CA HIS B 87 19.88 8.64 -9.46
C HIS B 87 21.10 7.78 -9.09
N GLU B 88 22.23 8.45 -8.88
CA GLU B 88 23.38 7.79 -8.26
C GLU B 88 23.77 8.45 -6.93
N ASP B 89 25.04 8.38 -6.54
CA ASP B 89 25.39 8.61 -5.14
C ASP B 89 26.50 9.63 -4.99
N ARG B 90 26.58 10.60 -5.91
CA ARG B 90 27.58 11.64 -5.81
C ARG B 90 27.06 12.77 -4.92
N ILE B 91 27.87 13.13 -3.92
CA ILE B 91 27.57 14.21 -3.00
C ILE B 91 28.65 15.25 -3.19
N HIS B 92 28.24 16.49 -3.41
CA HIS B 92 29.14 17.60 -3.70
C HIS B 92 29.04 18.64 -2.61
N LYS B 93 30.19 19.10 -2.13
CA LYS B 93 30.22 20.22 -1.20
C LYS B 93 30.21 21.52 -2.00
N VAL B 94 29.08 22.23 -1.93
CA VAL B 94 28.85 23.44 -2.69
C VAL B 94 29.68 24.57 -2.08
N THR B 95 30.43 25.27 -2.91
CA THR B 95 31.26 26.39 -2.47
C THR B 95 30.82 27.70 -3.14
N ASP B 96 31.49 28.79 -2.77
CA ASP B 96 31.10 30.10 -3.29
C ASP B 96 31.20 30.15 -4.81
N GLY B 97 32.21 29.52 -5.39
CA GLY B 97 32.29 29.46 -6.84
C GLY B 97 31.10 28.75 -7.49
N ASP B 98 30.43 27.88 -6.74
CA ASP B 98 29.28 27.15 -7.27
C ASP B 98 28.01 27.97 -7.35
N ARG B 99 27.99 29.19 -6.83
CA ARG B 99 26.74 29.96 -6.79
C ARG B 99 26.08 29.99 -8.16
N ALA B 100 24.75 29.96 -8.17
CA ALA B 100 23.93 30.07 -9.37
C ALA B 100 24.05 28.87 -10.33
N SER B 101 24.70 27.79 -9.93
CA SER B 101 24.83 26.65 -10.83
C SER B 101 23.51 25.90 -10.92
N GLY B 102 23.00 25.76 -12.15
CA GLY B 102 21.72 25.13 -12.38
C GLY B 102 20.49 25.95 -12.02
N ALA B 103 20.66 27.18 -11.51
CA ALA B 103 19.53 27.95 -10.99
C ALA B 103 18.66 28.57 -12.10
N PHE B 104 19.28 29.09 -13.17
CA PHE B 104 18.57 29.66 -14.30
C PHE B 104 18.67 28.82 -15.57
N ARG B 105 19.58 27.86 -15.64
CA ARG B 105 19.73 27.04 -16.83
C ARG B 105 20.20 25.67 -16.40
N TYR B 106 19.61 24.62 -16.97
CA TYR B 106 20.01 23.27 -16.61
C TYR B 106 21.43 22.91 -17.09
N ASP B 107 21.95 23.58 -18.12
CA ASP B 107 23.27 23.20 -18.65
C ASP B 107 24.39 23.34 -17.61
N THR B 108 24.23 24.20 -16.61
CA THR B 108 25.25 24.36 -15.58
C THR B 108 24.92 23.66 -14.26
N ALA B 109 23.82 22.91 -14.19
CA ALA B 109 23.53 22.12 -12.99
C ALA B 109 24.68 21.14 -12.74
N LEU B 110 24.95 20.90 -11.46
CA LEU B 110 26.10 20.08 -11.08
C LEU B 110 25.94 18.68 -11.67
N LYS B 111 26.88 18.27 -12.51
CA LYS B 111 26.70 17.09 -13.34
C LYS B 111 26.64 15.84 -12.48
N ALA B 112 25.66 14.99 -12.77
CA ALA B 112 25.56 13.64 -12.19
C ALA B 112 25.65 13.66 -10.66
N THR B 113 24.93 14.59 -10.05
CA THR B 113 24.97 14.82 -8.60
C THR B 113 23.59 14.63 -8.00
N ASP B 114 23.51 13.90 -6.88
CA ASP B 114 22.25 13.69 -6.18
C ASP B 114 22.33 14.06 -4.69
N GLY B 115 23.45 14.62 -4.25
CA GLY B 115 23.63 15.06 -2.88
C GLY B 115 24.38 16.38 -2.85
N LEU B 116 23.92 17.28 -1.98
CA LEU B 116 24.48 18.61 -1.83
C LEU B 116 24.65 18.93 -0.35
N TYR B 117 25.73 19.61 0.01
CA TYR B 117 25.86 20.15 1.36
C TYR B 117 26.82 21.35 1.37
N THR B 118 26.72 22.17 2.42
CA THR B 118 27.54 23.37 2.46
C THR B 118 27.74 23.86 3.89
N ASP B 119 28.76 24.70 4.08
CA ASP B 119 29.01 25.37 5.35
C ASP B 119 28.88 26.88 5.29
N ARG B 120 28.51 27.43 4.17
CA ARG B 120 28.42 28.80 3.68
C ARG B 120 27.07 29.42 3.97
N PRO B 121 27.06 30.70 4.31
CA PRO B 121 25.79 31.38 4.54
C PRO B 121 25.22 31.84 3.21
N ASN B 122 23.90 31.93 3.15
CA ASN B 122 23.19 32.47 1.99
C ASN B 122 23.57 31.73 0.70
N LEU B 123 23.70 30.40 0.81
CA LEU B 123 23.96 29.48 -0.30
C LEU B 123 22.91 28.36 -0.21
N PHE B 124 21.87 28.45 -1.02
CA PHE B 124 20.70 27.59 -0.86
C PHE B 124 20.78 26.43 -1.84
N LEU B 125 20.63 25.22 -1.31
CA LEU B 125 20.71 24.01 -2.09
C LEU B 125 19.32 23.54 -2.46
N ALA B 126 19.18 22.99 -3.66
CA ALA B 126 17.86 22.62 -4.18
C ALA B 126 17.95 21.31 -4.95
N LEU B 127 17.07 20.36 -4.60
CA LEU B 127 16.98 19.10 -5.32
C LEU B 127 15.51 18.85 -5.70
N CYS B 128 15.29 18.30 -6.89
CA CYS B 128 13.96 18.17 -7.46
C CYS B 128 13.36 16.80 -7.17
N PHE B 129 12.06 16.77 -6.88
CA PHE B 129 11.39 15.55 -6.41
C PHE B 129 9.98 15.45 -6.98
N ALA B 130 9.56 14.21 -7.27
CA ALA B 130 8.17 13.93 -7.64
C ALA B 130 7.81 12.48 -7.34
N ASP B 131 8.28 11.97 -6.17
CA ASP B 131 8.02 10.66 -5.55
C ASP B 131 9.21 10.19 -4.72
N CYS B 132 10.42 10.44 -5.22
CA CYS B 132 11.62 9.95 -4.54
C CYS B 132 11.78 10.57 -3.15
N VAL B 133 12.63 9.95 -2.35
CA VAL B 133 12.80 10.33 -0.94
C VAL B 133 13.73 11.52 -0.84
N PRO B 134 13.26 12.66 -0.30
CA PRO B 134 14.16 13.77 0.03
C PRO B 134 14.67 13.68 1.46
N VAL B 135 15.99 13.80 1.65
CA VAL B 135 16.56 13.75 2.99
C VAL B 135 17.21 15.09 3.27
N TYR B 136 17.04 15.58 4.50
CA TYR B 136 17.64 16.83 4.94
C TYR B 136 18.61 16.54 6.07
N PHE B 137 19.65 17.37 6.17
CA PHE B 137 20.69 17.16 7.17
C PHE B 137 21.06 18.49 7.79
N TYR B 138 21.19 18.53 9.12
CA TYR B 138 21.66 19.74 9.78
C TYR B 138 22.54 19.38 10.98
N ASP B 139 23.78 19.90 10.98
CA ASP B 139 24.68 19.80 12.13
C ASP B 139 24.80 21.17 12.81
N PRO B 140 24.17 21.39 13.97
CA PRO B 140 24.26 22.73 14.60
C PRO B 140 25.62 23.01 15.23
N VAL B 141 26.42 21.98 15.51
CA VAL B 141 27.76 22.20 16.03
C VAL B 141 28.67 22.72 14.93
N ARG B 142 28.78 21.98 13.81
CA ARG B 142 29.67 22.36 12.71
C ARG B 142 29.05 23.37 11.75
N SER B 143 27.75 23.68 11.87
CA SER B 143 27.02 24.56 10.95
C SER B 143 27.03 24.04 9.51
N LEU B 144 26.54 22.82 9.36
CA LEU B 144 26.45 22.15 8.07
C LEU B 144 24.99 21.92 7.73
N VAL B 145 24.64 22.14 6.47
CA VAL B 145 23.32 21.82 5.95
C VAL B 145 23.50 20.96 4.71
N GLY B 146 22.61 19.97 4.55
CA GLY B 146 22.69 19.09 3.40
C GLY B 146 21.32 18.56 3.03
N ILE B 147 21.22 18.11 1.78
CA ILE B 147 20.04 17.42 1.26
C ILE B 147 20.49 16.33 0.30
N ALA B 148 19.72 15.26 0.25
CA ALA B 148 20.01 14.17 -0.65
C ALA B 148 18.72 13.76 -1.37
N HIS B 149 18.90 13.34 -2.62
CA HIS B 149 17.83 12.83 -3.46
C HIS B 149 18.05 11.33 -3.61
N ALA B 150 17.13 10.53 -3.06
CA ALA B 150 17.26 9.08 -3.04
C ALA B 150 15.98 8.44 -3.55
N GLY B 151 15.96 8.02 -4.80
CA GLY B 151 14.94 7.12 -5.28
C GLY B 151 15.29 5.74 -4.76
N TRP B 152 14.75 4.71 -5.43
CA TRP B 152 15.11 3.37 -4.99
C TRP B 152 16.59 3.10 -5.25
N LYS B 153 17.13 3.66 -6.35
CA LYS B 153 18.55 3.48 -6.66
C LYS B 153 19.43 4.16 -5.63
N GLY B 154 19.17 5.47 -5.38
CA GLY B 154 19.90 6.19 -4.34
C GLY B 154 19.72 5.59 -2.95
N THR B 155 18.59 4.91 -2.72
CA THR B 155 18.37 4.19 -1.46
C THR B 155 19.23 2.92 -1.38
N ALA B 156 19.16 2.08 -2.41
CA ALA B 156 20.03 0.91 -2.42
C ALA B 156 21.50 1.30 -2.47
N LEU B 157 21.84 2.46 -3.05
CA LEU B 157 23.24 2.87 -3.02
C LEU B 157 23.66 3.45 -1.67
N GLY B 158 22.71 3.83 -0.83
CA GLY B 158 22.99 4.41 0.48
C GLY B 158 23.49 5.83 0.45
N ILE B 159 22.99 6.66 -0.46
CA ILE B 159 23.43 8.06 -0.53
C ILE B 159 23.13 8.80 0.79
N ALA B 160 22.07 8.42 1.50
CA ALA B 160 21.77 9.07 2.78
C ALA B 160 22.82 8.75 3.84
N ALA B 161 23.30 7.50 3.86
CA ALA B 161 24.35 7.14 4.79
C ALA B 161 25.69 7.68 4.34
N SER B 162 25.89 7.85 3.02
CA SER B 162 27.13 8.43 2.54
C SER B 162 27.24 9.89 2.92
N MET B 163 26.13 10.61 3.03
CA MET B 163 26.21 11.97 3.53
C MET B 163 26.84 12.00 4.91
N VAL B 164 26.38 11.11 5.80
CA VAL B 164 26.87 11.13 7.18
C VAL B 164 28.35 10.78 7.21
N ASP B 165 28.76 9.82 6.39
CA ASP B 165 30.17 9.44 6.32
C ASP B 165 31.05 10.59 5.82
N MET B 166 30.54 11.37 4.86
CA MET B 166 31.30 12.51 4.35
C MET B 166 31.48 13.58 5.41
N TRP B 167 30.44 13.81 6.22
CA TRP B 167 30.52 14.80 7.28
C TRP B 167 31.44 14.35 8.40
N ILE B 168 31.47 13.05 8.70
CA ILE B 168 32.32 12.56 9.78
C ILE B 168 33.79 12.70 9.39
N ARG B 169 34.14 12.27 8.18
CA ARG B 169 35.55 12.20 7.79
C ARG B 169 36.09 13.48 7.17
N ARG B 170 35.28 14.21 6.40
CA ARG B 170 35.74 15.40 5.69
C ARG B 170 35.48 16.69 6.45
N GLU B 171 34.45 16.69 7.32
CA GLU B 171 34.00 17.88 8.03
C GLU B 171 34.16 17.79 9.54
N GLY B 172 34.56 16.65 10.10
CA GLY B 172 34.68 16.54 11.55
C GLY B 172 33.38 16.50 12.33
N SER B 173 32.27 16.09 11.70
CA SER B 173 31.00 16.03 12.40
C SER B 173 30.98 14.86 13.38
N ASN B 174 30.37 15.08 14.54
CA ASN B 174 29.96 13.98 15.41
C ASN B 174 28.57 13.54 14.99
N PRO B 175 28.36 12.27 14.61
CA PRO B 175 27.02 11.89 14.12
C PRO B 175 25.93 12.10 15.15
N ALA B 176 26.26 12.08 16.44
CA ALA B 176 25.27 12.39 17.47
C ALA B 176 24.72 13.82 17.36
N ASP B 177 25.47 14.73 16.74
CA ASP B 177 25.00 16.10 16.59
C ASP B 177 24.06 16.30 15.41
N ILE B 178 23.96 15.34 14.49
CA ILE B 178 23.25 15.57 13.26
C ILE B 178 21.76 15.38 13.45
N ARG B 179 20.99 16.30 12.88
CA ARG B 179 19.55 16.17 12.75
C ARG B 179 19.23 15.86 11.29
N ALA B 180 18.17 15.10 11.09
CA ALA B 180 17.80 14.72 9.73
C ALA B 180 16.29 14.74 9.63
N VAL B 181 15.79 15.12 8.47
CA VAL B 181 14.37 15.08 8.21
C VAL B 181 14.20 14.32 6.89
N ILE B 182 13.23 13.41 6.84
CA ILE B 182 12.88 12.71 5.62
C ILE B 182 11.54 13.28 5.17
N GLY B 183 11.50 13.79 3.94
CA GLY B 183 10.37 14.55 3.47
C GLY B 183 9.29 13.76 2.77
N PRO B 184 8.34 14.48 2.18
CA PRO B 184 7.24 13.84 1.44
C PRO B 184 7.79 13.05 0.24
N ALA B 185 7.48 11.76 0.23
CA ALA B 185 7.88 10.87 -0.84
C ALA B 185 6.78 9.84 -1.02
N ILE B 186 6.91 9.01 -2.05
CA ILE B 186 5.89 8.00 -2.31
C ILE B 186 5.89 6.98 -1.18
N GLY B 187 4.71 6.72 -0.64
CA GLY B 187 4.60 5.73 0.40
C GLY B 187 4.48 4.31 -0.15
N SER B 188 4.64 3.33 0.75
CA SER B 188 4.37 1.95 0.37
C SER B 188 2.91 1.76 -0.03
N CYS B 189 2.03 2.70 0.32
CA CYS B 189 0.64 2.62 -0.10
C CYS B 189 0.49 2.53 -1.61
N CYS B 190 1.37 3.22 -2.36
CA CYS B 190 1.21 3.37 -3.81
C CYS B 190 2.38 2.84 -4.62
N TYR B 191 3.32 2.13 -4.02
CA TYR B 191 4.61 1.87 -4.66
C TYR B 191 4.90 0.36 -4.68
N THR B 192 4.97 -0.22 -5.88
CA THR B 192 5.24 -1.64 -6.02
C THR B 192 6.55 -1.86 -6.80
N VAL B 193 7.30 -2.90 -6.44
CA VAL B 193 8.64 -3.12 -6.94
C VAL B 193 8.75 -4.56 -7.41
N ASP B 194 9.80 -4.81 -8.21
CA ASP B 194 10.16 -6.12 -8.68
C ASP B 194 11.16 -6.75 -7.71
N ASP B 195 11.59 -7.96 -8.05
CA ASP B 195 12.68 -8.59 -7.33
C ASP B 195 13.96 -7.80 -7.55
N HIS B 196 14.12 -7.27 -8.75
CA HIS B 196 15.35 -6.59 -9.12
C HIS B 196 15.62 -5.43 -8.18
N VAL B 197 14.57 -4.72 -7.74
CA VAL B 197 14.75 -3.68 -6.74
C VAL B 197 14.98 -4.28 -5.35
N ILE B 198 14.21 -5.32 -4.99
CA ILE B 198 14.29 -5.86 -3.63
C ILE B 198 15.66 -6.49 -3.39
N ASP B 199 16.22 -7.15 -4.42
CA ASP B 199 17.53 -7.77 -4.29
C ASP B 199 18.60 -6.76 -3.88
N LYS B 200 18.60 -5.58 -4.51
CA LYS B 200 19.65 -4.60 -4.21
C LYS B 200 19.38 -3.87 -2.89
N ILE B 201 18.11 -3.74 -2.50
CA ILE B 201 17.84 -3.23 -1.16
C ILE B 201 18.41 -4.17 -0.10
N ARG B 202 18.12 -5.47 -0.22
CA ARG B 202 18.58 -6.42 0.78
C ARG B 202 20.10 -6.55 0.82
N ASN B 203 20.82 -5.98 -0.14
CA ASN B 203 22.27 -6.02 -0.13
C ASN B 203 22.88 -4.82 0.59
N LEU B 204 22.05 -3.99 1.20
CA LEU B 204 22.53 -2.90 2.02
C LEU B 204 23.04 -3.43 3.36
N PRO B 205 23.97 -2.71 4.00
CA PRO B 205 24.53 -3.21 5.27
C PRO B 205 23.51 -3.29 6.41
N LEU B 206 22.22 -3.10 6.12
CA LEU B 206 21.22 -3.23 7.17
C LEU B 206 20.96 -4.70 7.48
N GLN B 207 20.78 -5.00 8.77
CA GLN B 207 20.43 -6.35 9.20
C GLN B 207 18.92 -6.54 9.33
N GLN B 208 18.19 -5.46 9.55
CA GLN B 208 16.74 -5.48 9.65
C GLN B 208 16.13 -4.81 8.40
N GLU B 209 16.70 -5.13 7.23
CA GLU B 209 16.30 -4.48 5.98
C GLU B 209 14.86 -4.84 5.57
N ASP B 210 14.43 -6.08 5.80
CA ASP B 210 13.14 -6.50 5.25
C ASP B 210 11.93 -5.89 5.96
N LYS B 211 12.09 -5.16 7.05
CA LYS B 211 10.95 -4.54 7.73
C LYS B 211 10.27 -3.47 6.88
N ALA B 212 10.90 -3.02 5.79
CA ALA B 212 10.37 -1.95 4.95
C ALA B 212 9.63 -2.46 3.72
N PHE B 213 9.57 -3.78 3.50
CA PHE B 213 8.86 -4.30 2.33
C PHE B 213 8.10 -5.58 2.66
N LEU B 214 7.06 -5.83 1.86
CA LEU B 214 6.25 -7.04 1.94
C LEU B 214 6.03 -7.62 0.55
N THR B 215 5.44 -8.81 0.54
CA THR B 215 5.15 -9.55 -0.68
C THR B 215 3.67 -9.41 -0.98
N ILE B 216 3.35 -8.72 -2.07
CA ILE B 216 1.98 -8.69 -2.55
C ILE B 216 1.63 -10.00 -3.23
N LYS B 217 2.42 -10.34 -4.23
CA LYS B 217 2.24 -11.50 -5.10
C LYS B 217 3.65 -11.95 -5.50
N GLU B 218 3.74 -13.10 -6.17
CA GLU B 218 5.05 -13.59 -6.57
C GLU B 218 5.70 -12.58 -7.51
N GLY B 219 6.84 -12.05 -7.10
CA GLY B 219 7.54 -11.13 -7.96
C GLY B 219 7.06 -9.69 -7.90
N GLU B 220 6.02 -9.39 -7.13
CA GLU B 220 5.60 -8.00 -6.95
C GLU B 220 5.60 -7.68 -5.47
N TYR B 221 6.23 -6.56 -5.11
CA TYR B 221 6.51 -6.24 -3.73
C TYR B 221 6.12 -4.80 -3.41
N ARG B 222 5.66 -4.58 -2.18
CA ARG B 222 5.39 -3.25 -1.68
C ARG B 222 6.61 -2.71 -0.94
N LEU B 223 6.93 -1.42 -1.12
CA LEU B 223 8.19 -0.88 -0.60
C LEU B 223 8.01 0.53 -0.04
N GLU B 224 8.41 0.72 1.23
CA GLU B 224 8.34 2.01 1.91
C GLU B 224 9.75 2.63 1.93
N LEU B 225 10.02 3.48 0.93
CA LEU B 225 11.39 3.98 0.77
C LEU B 225 11.81 4.89 1.92
N LYS B 226 10.87 5.53 2.60
CA LYS B 226 11.24 6.34 3.76
C LYS B 226 11.84 5.49 4.86
N GLU B 227 11.39 4.25 5.00
CA GLU B 227 11.86 3.45 6.12
C GLU B 227 13.28 2.97 5.92
N VAL B 228 13.64 2.59 4.69
CA VAL B 228 15.01 2.16 4.43
C VAL B 228 15.98 3.31 4.71
N ASN B 229 15.63 4.51 4.25
CA ASN B 229 16.49 5.65 4.48
C ASN B 229 16.58 5.99 5.96
N ARG B 230 15.45 6.00 6.68
CA ARG B 230 15.50 6.20 8.13
C ARG B 230 16.40 5.17 8.79
N GLN B 231 16.35 3.92 8.34
CA GLN B 231 17.24 2.91 8.90
C GLN B 231 18.70 3.26 8.60
N LEU B 232 18.98 3.80 7.40
CA LEU B 232 20.35 4.11 7.00
C LEU B 232 20.91 5.30 7.75
N LEU B 233 20.05 6.25 8.15
CA LEU B 233 20.52 7.34 9.00
C LEU B 233 20.96 6.79 10.36
N VAL B 234 20.16 5.90 10.95
CA VAL B 234 20.51 5.32 12.24
C VAL B 234 21.79 4.49 12.14
N HIS B 235 21.89 3.68 11.09
CA HIS B 235 23.09 2.91 10.84
C HIS B 235 24.31 3.82 10.73
N ALA B 236 24.16 4.95 10.04
CA ALA B 236 25.28 5.84 9.82
C ALA B 236 25.73 6.56 11.07
N GLY B 237 24.90 6.58 12.12
CA GLY B 237 25.26 7.21 13.37
C GLY B 237 24.30 8.28 13.87
N ILE B 238 23.22 8.61 13.17
CA ILE B 238 22.27 9.57 13.72
C ILE B 238 21.37 8.84 14.71
N PRO B 239 21.14 9.37 15.91
CA PRO B 239 20.20 8.71 16.82
C PRO B 239 18.78 8.92 16.30
N ASN B 240 17.96 7.88 16.39
CA ASN B 240 16.60 7.93 15.84
C ASN B 240 15.81 9.11 16.43
N GLY B 241 16.10 9.49 17.67
CA GLY B 241 15.37 10.60 18.28
C GLY B 241 15.49 11.90 17.50
N GLN B 242 16.56 12.05 16.72
CA GLN B 242 16.87 13.24 15.93
C GLN B 242 16.43 13.10 14.47
N ILE B 243 15.60 12.12 14.16
CA ILE B 243 15.08 11.95 12.81
C ILE B 243 13.57 12.08 12.89
N GLU B 244 13.01 12.91 12.01
CA GLU B 244 11.58 13.09 11.85
C GLU B 244 11.20 12.74 10.42
N VAL B 245 10.27 11.81 10.25
CA VAL B 245 9.83 11.36 8.94
C VAL B 245 8.43 11.89 8.69
N SER B 246 8.30 12.71 7.64
CA SER B 246 6.99 13.18 7.18
C SER B 246 6.17 12.02 6.65
N SER B 247 4.89 12.00 7.02
CA SER B 247 4.01 10.93 6.55
C SER B 247 3.41 11.18 5.17
N LEU B 248 3.63 12.34 4.55
CA LEU B 248 2.91 12.68 3.33
C LEU B 248 3.34 11.83 2.14
N CYS B 249 2.36 11.25 1.44
CA CYS B 249 2.59 10.47 0.23
C CYS B 249 2.33 11.35 -0.98
N THR B 250 3.32 11.48 -1.84
CA THR B 250 3.18 12.36 -3.00
C THR B 250 2.14 11.84 -3.99
N SER B 251 2.04 10.51 -4.13
CA SER B 251 0.98 9.94 -4.95
C SER B 251 -0.41 10.18 -4.33
N CYS B 252 -0.55 9.97 -3.03
CA CYS B 252 -1.87 10.09 -2.40
C CYS B 252 -2.37 11.53 -2.40
N GLU B 253 -1.48 12.50 -2.17
CA GLU B 253 -1.87 13.92 -2.00
C GLU B 253 -1.95 14.63 -3.35
N ARG B 254 -3.11 14.45 -4.01
CA ARG B 254 -3.26 14.95 -5.37
C ARG B 254 -3.39 16.47 -5.40
N SER B 255 -3.84 17.07 -4.30
CA SER B 255 -3.95 18.51 -4.20
C SER B 255 -2.63 19.17 -3.82
N LEU B 256 -1.62 18.38 -3.47
CA LEU B 256 -0.38 18.94 -2.95
C LEU B 256 0.82 18.71 -3.84
N PHE B 257 1.01 17.52 -4.39
CA PHE B 257 2.29 17.14 -4.94
C PHE B 257 2.17 16.61 -6.35
N PHE B 258 3.27 16.75 -7.10
CA PHE B 258 3.48 15.96 -8.30
C PHE B 258 3.82 14.53 -7.91
N SER B 259 3.48 13.59 -8.79
CA SER B 259 3.84 12.19 -8.57
C SER B 259 4.16 11.54 -9.91
N HIS B 260 5.35 10.98 -10.01
CA HIS B 260 5.75 10.28 -11.23
C HIS B 260 4.87 9.06 -11.50
N ARG B 261 4.53 8.30 -10.46
CA ARG B 261 3.70 7.12 -10.72
C ARG B 261 2.26 7.50 -11.02
N ARG B 262 1.67 8.41 -10.22
CA ARG B 262 0.26 8.76 -10.43
C ARG B 262 0.06 9.47 -11.76
N ASP B 263 0.99 10.35 -12.15
CA ASP B 263 0.83 11.18 -13.35
C ASP B 263 1.33 10.53 -14.63
N ARG B 264 1.72 9.26 -14.57
CA ARG B 264 2.06 8.50 -15.76
C ARG B 264 3.29 9.06 -16.45
N GLY B 265 4.27 9.45 -15.65
CA GLY B 265 5.58 9.71 -16.18
C GLY B 265 5.78 11.11 -16.67
N LYS B 266 4.70 11.87 -16.91
CA LYS B 266 4.78 13.24 -17.41
C LYS B 266 4.15 14.18 -16.38
N THR B 267 5.01 14.90 -15.64
CA THR B 267 4.54 15.74 -14.54
C THR B 267 5.67 16.69 -14.14
N GLY B 268 5.33 17.63 -13.25
CA GLY B 268 6.29 18.58 -12.73
C GLY B 268 7.10 18.01 -11.58
N ARG B 269 7.94 18.88 -11.00
CA ARG B 269 8.83 18.52 -9.89
C ARG B 269 8.71 19.51 -8.75
N MET B 270 8.52 19.01 -7.54
CA MET B 270 8.74 19.83 -6.38
C MET B 270 10.23 19.98 -6.11
N MET B 271 10.57 20.85 -5.18
CA MET B 271 11.96 20.92 -4.80
C MET B 271 12.06 21.05 -3.30
N SER B 272 13.07 20.40 -2.75
CA SER B 272 13.48 20.65 -1.38
C SER B 272 14.59 21.66 -1.40
N PHE B 273 14.71 22.41 -0.32
CA PHE B 273 15.73 23.43 -0.25
C PHE B 273 16.21 23.55 1.18
N ILE B 274 17.48 23.88 1.33
CA ILE B 274 18.05 24.18 2.63
C ILE B 274 19.18 25.19 2.41
N GLY B 275 19.35 26.07 3.38
CA GLY B 275 20.39 27.07 3.33
C GLY B 275 20.50 27.75 4.67
N LEU B 276 21.65 28.37 4.90
CA LEU B 276 21.98 29.12 6.11
C LEU B 276 21.93 30.61 5.79
N LYS B 277 21.29 31.39 6.66
CA LYS B 277 21.16 32.82 6.41
C LYS B 277 21.93 33.65 7.42
ZN ZN C . -6.57 -0.99 -2.27
K K D . 8.69 -7.42 6.26
CL CL E . -2.22 -7.99 22.49
ZN ZN F . 0.07 6.76 -1.33
NA NA G . 26.71 8.12 -14.03
#